data_5MFY
#
_entry.id   5MFY
#
_entity_poly.entity_id   1
_entity_poly.type   'polypeptide(L)'
_entity_poly.pdbx_seq_one_letter_code
;GAMGTKYAVPDTSTYQYDESSGYYYDPTTGLYYDPNSQYYYNSLTQQYLYWDGEKETYVPAAES
;
_entity_poly.pdbx_strand_id   A
#
# COMPACT_ATOMS: atom_id res chain seq x y z
N GLY A 1 22.07 7.52 -1.49
CA GLY A 1 20.78 7.61 -0.78
C GLY A 1 20.81 8.63 0.33
N ALA A 2 19.97 8.42 1.35
CA ALA A 2 19.86 9.30 2.51
C ALA A 2 19.21 10.64 2.15
N MET A 3 19.84 11.40 1.27
CA MET A 3 19.36 12.73 0.91
C MET A 3 18.47 12.66 -0.32
N GLY A 4 17.54 11.72 -0.32
CA GLY A 4 16.63 11.57 -1.44
C GLY A 4 15.49 10.64 -1.12
N THR A 5 14.79 10.92 -0.04
CA THR A 5 13.68 10.10 0.40
C THR A 5 12.49 10.22 -0.55
N LYS A 6 12.37 9.26 -1.47
CA LYS A 6 11.33 9.27 -2.47
C LYS A 6 10.15 8.42 -2.00
N TYR A 7 10.46 7.25 -1.47
CA TYR A 7 9.44 6.35 -0.98
C TYR A 7 9.78 5.86 0.43
N ALA A 8 9.18 6.50 1.42
CA ALA A 8 9.38 6.11 2.82
C ALA A 8 8.36 5.06 3.22
N VAL A 9 8.51 4.55 4.44
CA VAL A 9 7.58 3.55 4.96
C VAL A 9 6.19 4.17 5.18
N PRO A 10 5.18 3.66 4.48
CA PRO A 10 3.81 4.17 4.60
C PRO A 10 3.18 3.78 5.94
N ASP A 11 2.59 4.75 6.60
CA ASP A 11 1.87 4.49 7.82
C ASP A 11 0.39 4.56 7.56
N THR A 12 -0.30 3.47 7.82
CA THR A 12 -1.71 3.36 7.53
C THR A 12 -2.55 4.22 8.48
N SER A 13 -1.87 5.02 9.29
CA SER A 13 -2.51 5.97 10.17
C SER A 13 -2.78 7.28 9.44
N THR A 14 -2.18 7.44 8.26
CA THR A 14 -2.47 8.58 7.40
C THR A 14 -3.45 8.20 6.30
N TYR A 15 -4.04 7.00 6.44
CA TYR A 15 -4.96 6.49 5.43
C TYR A 15 -6.40 6.86 5.78
N GLN A 16 -7.29 6.63 4.83
CA GLN A 16 -8.69 6.94 5.01
C GLN A 16 -9.52 5.68 4.87
N TYR A 17 -9.99 5.14 5.98
CA TYR A 17 -10.78 3.92 5.94
C TYR A 17 -12.11 4.16 5.24
N ASP A 18 -12.30 3.48 4.13
CA ASP A 18 -13.54 3.57 3.38
C ASP A 18 -14.47 2.45 3.83
N GLU A 19 -15.49 2.80 4.60
CA GLU A 19 -16.35 1.81 5.21
C GLU A 19 -17.23 1.13 4.17
N SER A 20 -17.50 1.86 3.10
CA SER A 20 -18.37 1.36 2.05
C SER A 20 -17.64 0.30 1.24
N SER A 21 -16.32 0.42 1.19
CA SER A 21 -15.50 -0.51 0.41
C SER A 21 -14.86 -1.55 1.33
N GLY A 22 -14.57 -1.16 2.57
CA GLY A 22 -14.00 -2.09 3.53
C GLY A 22 -12.49 -2.06 3.51
N TYR A 23 -11.92 -1.07 2.84
CA TYR A 23 -10.48 -0.95 2.70
C TYR A 23 -10.00 0.40 3.22
N TYR A 24 -8.73 0.47 3.58
CA TYR A 24 -8.10 1.74 3.92
C TYR A 24 -7.57 2.38 2.66
N TYR A 25 -8.10 3.53 2.28
CA TYR A 25 -7.66 4.20 1.08
C TYR A 25 -6.30 4.85 1.31
N ASP A 26 -5.38 4.54 0.40
CA ASP A 26 -4.03 5.08 0.45
C ASP A 26 -3.86 6.20 -0.56
N PRO A 27 -3.95 7.45 -0.09
CA PRO A 27 -3.65 8.63 -0.91
C PRO A 27 -2.15 8.81 -1.16
N THR A 28 -1.34 8.08 -0.39
CA THR A 28 0.11 8.20 -0.48
C THR A 28 0.60 7.69 -1.82
N THR A 29 0.13 6.52 -2.20
CA THR A 29 0.51 5.91 -3.46
C THR A 29 -0.69 5.83 -4.40
N GLY A 30 -1.83 5.47 -3.85
CA GLY A 30 -3.03 5.33 -4.65
C GLY A 30 -3.53 3.91 -4.64
N LEU A 31 -3.44 3.28 -3.48
CA LEU A 31 -3.78 1.87 -3.34
C LEU A 31 -4.83 1.67 -2.26
N TYR A 32 -5.27 0.43 -2.11
CA TYR A 32 -6.19 0.08 -1.04
C TYR A 32 -5.54 -0.87 -0.06
N TYR A 33 -5.54 -0.51 1.20
CA TYR A 33 -4.95 -1.34 2.23
C TYR A 33 -6.01 -2.25 2.85
N ASP A 34 -5.78 -3.55 2.77
CA ASP A 34 -6.69 -4.52 3.38
C ASP A 34 -6.32 -4.68 4.85
N PRO A 35 -7.21 -4.25 5.77
CA PRO A 35 -6.97 -4.34 7.21
C PRO A 35 -6.83 -5.78 7.71
N ASN A 36 -7.40 -6.70 6.98
CA ASN A 36 -7.44 -8.09 7.43
C ASN A 36 -6.18 -8.83 7.00
N SER A 37 -5.84 -8.71 5.73
CA SER A 37 -4.70 -9.39 5.17
C SER A 37 -3.41 -8.57 5.36
N GLN A 38 -3.60 -7.27 5.57
CA GLN A 38 -2.51 -6.32 5.76
C GLN A 38 -1.69 -6.15 4.49
N TYR A 39 -2.36 -6.27 3.36
CA TYR A 39 -1.69 -6.11 2.07
C TYR A 39 -2.32 -4.97 1.30
N TYR A 40 -1.61 -4.49 0.30
CA TYR A 40 -2.09 -3.41 -0.54
C TYR A 40 -2.73 -3.96 -1.80
N TYR A 41 -3.83 -3.34 -2.20
CA TYR A 41 -4.59 -3.78 -3.34
C TYR A 41 -4.54 -2.75 -4.43
N ASN A 42 -4.03 -3.15 -5.57
CA ASN A 42 -4.00 -2.30 -6.74
C ASN A 42 -5.34 -2.36 -7.44
N SER A 43 -6.08 -1.27 -7.43
CA SER A 43 -7.45 -1.27 -7.94
C SER A 43 -7.48 -1.31 -9.47
N LEU A 44 -6.34 -1.07 -10.10
CA LEU A 44 -6.26 -1.07 -11.55
C LEU A 44 -5.93 -2.46 -12.07
N THR A 45 -4.94 -3.11 -11.47
CA THR A 45 -4.48 -4.40 -11.93
C THR A 45 -5.08 -5.54 -11.09
N GLN A 46 -5.80 -5.14 -10.04
CA GLN A 46 -6.51 -6.08 -9.17
C GLN A 46 -5.54 -7.03 -8.47
N GLN A 47 -4.32 -6.55 -8.24
CA GLN A 47 -3.27 -7.37 -7.65
C GLN A 47 -3.00 -6.95 -6.21
N TYR A 48 -2.26 -7.77 -5.49
CA TYR A 48 -1.93 -7.51 -4.11
C TYR A 48 -0.43 -7.29 -3.95
N LEU A 49 -0.09 -6.33 -3.11
CA LEU A 49 1.29 -5.89 -2.95
C LEU A 49 1.62 -5.71 -1.47
N TYR A 50 2.90 -5.63 -1.17
CA TYR A 50 3.35 -5.33 0.18
C TYR A 50 4.55 -4.40 0.10
N TRP A 51 4.80 -3.66 1.17
CA TRP A 51 5.91 -2.72 1.21
C TRP A 51 7.18 -3.40 1.71
N ASP A 52 8.25 -3.31 0.93
CA ASP A 52 9.55 -3.79 1.35
C ASP A 52 10.42 -2.62 1.74
N GLY A 53 10.94 -2.64 2.96
CA GLY A 53 11.67 -1.51 3.50
C GLY A 53 13.04 -1.32 2.87
N GLU A 54 13.57 -2.38 2.27
CA GLU A 54 14.88 -2.31 1.68
C GLU A 54 14.80 -1.79 0.24
N LYS A 55 13.92 -2.40 -0.55
CA LYS A 55 13.78 -2.03 -1.95
C LYS A 55 13.06 -0.70 -2.11
N GLU A 56 12.36 -0.29 -1.04
CA GLU A 56 11.57 0.94 -1.04
C GLU A 56 10.55 0.91 -2.16
N THR A 57 9.82 -0.19 -2.26
CA THR A 57 8.84 -0.38 -3.33
C THR A 57 7.79 -1.40 -2.89
N TYR A 58 6.72 -1.50 -3.68
CA TYR A 58 5.66 -2.45 -3.41
C TYR A 58 5.82 -3.67 -4.30
N VAL A 59 6.01 -4.83 -3.67
CA VAL A 59 6.22 -6.07 -4.38
C VAL A 59 4.97 -6.92 -4.28
N PRO A 60 4.64 -7.68 -5.33
CA PRO A 60 3.48 -8.58 -5.33
C PRO A 60 3.50 -9.56 -4.16
N ALA A 61 2.46 -9.51 -3.36
CA ALA A 61 2.37 -10.34 -2.17
C ALA A 61 2.12 -11.80 -2.53
N ALA A 62 1.44 -12.01 -3.64
CA ALA A 62 1.22 -13.36 -4.16
C ALA A 62 2.50 -13.88 -4.78
N GLU A 63 3.34 -14.49 -3.96
CA GLU A 63 4.65 -14.97 -4.38
C GLU A 63 4.53 -16.06 -5.43
N SER A 64 4.53 -15.64 -6.68
CA SER A 64 4.42 -16.53 -7.81
C SER A 64 4.94 -15.84 -9.05
N GLY A 1 5.84 17.80 -0.81
CA GLY A 1 6.84 17.02 -0.04
C GLY A 1 8.05 17.84 0.32
N ALA A 2 8.58 17.64 1.52
CA ALA A 2 9.75 18.38 1.98
C ALA A 2 10.61 17.52 2.89
N MET A 3 9.99 16.91 3.89
CA MET A 3 10.71 16.07 4.84
C MET A 3 10.33 14.62 4.65
N GLY A 4 11.18 13.88 3.95
CA GLY A 4 10.94 12.48 3.70
C GLY A 4 11.45 12.07 2.33
N THR A 5 11.51 10.77 2.09
CA THR A 5 11.98 10.25 0.82
C THR A 5 10.84 10.25 -0.21
N LYS A 6 11.09 9.67 -1.38
CA LYS A 6 10.05 9.55 -2.40
C LYS A 6 8.92 8.67 -1.89
N TYR A 7 9.29 7.48 -1.45
CA TYR A 7 8.35 6.55 -0.88
C TYR A 7 8.92 5.96 0.40
N ALA A 8 8.46 6.47 1.53
CA ALA A 8 8.93 5.99 2.83
C ALA A 8 8.01 4.91 3.35
N VAL A 9 8.32 4.37 4.52
CA VAL A 9 7.49 3.36 5.15
C VAL A 9 6.12 3.93 5.52
N PRO A 10 5.06 3.41 4.89
CA PRO A 10 3.71 3.96 4.98
C PRO A 10 3.11 3.87 6.38
N ASP A 11 2.54 4.98 6.82
CA ASP A 11 1.83 5.06 8.07
C ASP A 11 0.33 4.99 7.80
N THR A 12 -0.32 3.98 8.34
CA THR A 12 -1.73 3.75 8.07
C THR A 12 -2.61 4.82 8.71
N SER A 13 -2.01 5.64 9.57
CA SER A 13 -2.71 6.77 10.18
C SER A 13 -3.01 7.85 9.14
N THR A 14 -2.30 7.81 8.03
CA THR A 14 -2.50 8.81 6.98
C THR A 14 -3.46 8.29 5.92
N TYR A 15 -4.08 7.15 6.19
CA TYR A 15 -4.98 6.51 5.23
C TYR A 15 -6.41 6.98 5.44
N GLN A 16 -7.23 6.71 4.44
CA GLN A 16 -8.66 7.01 4.52
C GLN A 16 -9.45 5.73 4.41
N TYR A 17 -10.00 5.25 5.53
CA TYR A 17 -10.76 4.01 5.50
C TYR A 17 -11.99 4.17 4.61
N ASP A 18 -12.00 3.44 3.51
CA ASP A 18 -13.12 3.45 2.59
C ASP A 18 -14.13 2.42 3.04
N GLU A 19 -15.13 2.85 3.78
CA GLU A 19 -16.11 1.93 4.35
C GLU A 19 -16.99 1.31 3.27
N SER A 20 -16.99 1.94 2.12
CA SER A 20 -17.77 1.47 1.00
C SER A 20 -16.98 0.43 0.20
N SER A 21 -15.68 0.37 0.43
CA SER A 21 -14.84 -0.62 -0.24
C SER A 21 -14.39 -1.69 0.76
N GLY A 22 -14.24 -1.29 2.01
CA GLY A 22 -13.85 -2.22 3.06
C GLY A 22 -12.35 -2.24 3.29
N TYR A 23 -11.66 -1.28 2.69
CA TYR A 23 -10.21 -1.20 2.78
C TYR A 23 -9.76 0.21 3.12
N TYR A 24 -8.56 0.33 3.66
CA TYR A 24 -7.96 1.64 3.92
C TYR A 24 -7.39 2.20 2.63
N TYR A 25 -7.91 3.33 2.19
CA TYR A 25 -7.42 3.96 0.98
C TYR A 25 -6.09 4.66 1.23
N ASP A 26 -5.08 4.25 0.50
CA ASP A 26 -3.78 4.89 0.51
C ASP A 26 -3.79 6.10 -0.42
N PRO A 27 -3.89 7.32 0.12
CA PRO A 27 -3.94 8.54 -0.67
C PRO A 27 -2.55 8.92 -1.16
N THR A 28 -1.56 8.31 -0.53
CA THR A 28 -0.17 8.57 -0.85
C THR A 28 0.25 7.91 -2.16
N THR A 29 -0.06 6.63 -2.29
CA THR A 29 0.33 5.87 -3.48
C THR A 29 -0.85 5.62 -4.42
N GLY A 30 -2.04 5.55 -3.84
CA GLY A 30 -3.23 5.24 -4.63
C GLY A 30 -3.59 3.76 -4.53
N LEU A 31 -3.48 3.22 -3.33
CA LEU A 31 -3.70 1.80 -3.10
C LEU A 31 -4.74 1.58 -2.03
N TYR A 32 -4.90 0.35 -1.59
CA TYR A 32 -5.79 0.02 -0.49
C TYR A 32 -5.11 -0.96 0.45
N TYR A 33 -5.03 -0.61 1.71
CA TYR A 33 -4.50 -1.51 2.72
C TYR A 33 -5.63 -2.34 3.33
N ASP A 34 -5.49 -3.66 3.22
CA ASP A 34 -6.45 -4.56 3.84
C ASP A 34 -6.05 -4.83 5.28
N PRO A 35 -6.88 -4.40 6.25
CA PRO A 35 -6.61 -4.64 7.67
C PRO A 35 -6.55 -6.12 8.02
N ASN A 36 -7.20 -6.95 7.22
CA ASN A 36 -7.29 -8.36 7.52
C ASN A 36 -6.06 -9.12 7.03
N SER A 37 -5.74 -8.95 5.77
CA SER A 37 -4.58 -9.62 5.17
C SER A 37 -3.29 -8.88 5.51
N GLN A 38 -3.43 -7.59 5.82
CA GLN A 38 -2.29 -6.69 6.06
C GLN A 38 -1.47 -6.50 4.79
N TYR A 39 -2.13 -6.67 3.66
CA TYR A 39 -1.52 -6.47 2.36
C TYR A 39 -2.15 -5.28 1.65
N TYR A 40 -1.51 -4.84 0.58
CA TYR A 40 -1.98 -3.71 -0.19
C TYR A 40 -2.69 -4.18 -1.45
N TYR A 41 -3.71 -3.45 -1.84
CA TYR A 41 -4.51 -3.79 -2.99
C TYR A 41 -4.40 -2.69 -4.04
N ASN A 42 -3.80 -3.04 -5.16
CA ASN A 42 -3.75 -2.13 -6.29
C ASN A 42 -5.13 -2.16 -6.94
N SER A 43 -5.90 -1.11 -6.72
CA SER A 43 -7.28 -1.08 -7.22
C SER A 43 -7.31 -0.88 -8.73
N LEU A 44 -6.22 -0.37 -9.27
CA LEU A 44 -6.12 -0.10 -10.70
C LEU A 44 -5.83 -1.38 -11.48
N THR A 45 -4.94 -2.20 -10.96
CA THR A 45 -4.54 -3.42 -11.64
C THR A 45 -5.23 -4.64 -11.04
N GLN A 46 -5.84 -4.43 -9.87
CA GLN A 46 -6.57 -5.47 -9.14
C GLN A 46 -5.61 -6.59 -8.71
N GLN A 47 -4.67 -6.24 -7.85
CA GLN A 47 -3.66 -7.19 -7.39
C GLN A 47 -3.24 -6.85 -5.97
N TYR A 48 -2.51 -7.77 -5.32
CA TYR A 48 -2.09 -7.56 -3.94
C TYR A 48 -0.58 -7.42 -3.84
N LEU A 49 -0.17 -6.55 -2.93
CA LEU A 49 1.22 -6.15 -2.79
C LEU A 49 1.61 -6.04 -1.33
N TYR A 50 2.89 -5.91 -1.07
CA TYR A 50 3.37 -5.61 0.27
C TYR A 50 4.56 -4.65 0.17
N TRP A 51 4.66 -3.74 1.14
CA TRP A 51 5.73 -2.77 1.15
C TRP A 51 7.04 -3.39 1.62
N ASP A 52 8.01 -3.47 0.71
CA ASP A 52 9.34 -3.90 1.07
C ASP A 52 10.22 -2.68 1.29
N GLY A 53 10.71 -2.52 2.50
CA GLY A 53 11.49 -1.34 2.86
C GLY A 53 12.84 -1.31 2.19
N GLU A 54 13.35 -2.48 1.82
CA GLU A 54 14.65 -2.59 1.18
C GLU A 54 14.59 -2.06 -0.25
N LYS A 55 13.59 -2.50 -0.98
CA LYS A 55 13.43 -2.13 -2.38
C LYS A 55 12.69 -0.81 -2.55
N GLU A 56 12.04 -0.38 -1.47
CA GLU A 56 11.25 0.85 -1.46
C GLU A 56 10.12 0.78 -2.49
N THR A 57 9.48 -0.38 -2.58
CA THR A 57 8.44 -0.59 -3.56
C THR A 57 7.42 -1.60 -3.05
N TYR A 58 6.20 -1.52 -3.57
CA TYR A 58 5.18 -2.49 -3.23
C TYR A 58 5.28 -3.66 -4.18
N VAL A 59 5.78 -4.77 -3.67
CA VAL A 59 6.03 -5.96 -4.46
C VAL A 59 4.91 -6.98 -4.25
N PRO A 60 4.60 -7.76 -5.29
CA PRO A 60 3.51 -8.75 -5.25
C PRO A 60 3.70 -9.78 -4.16
N ALA A 61 2.65 -9.95 -3.37
CA ALA A 61 2.64 -10.96 -2.31
C ALA A 61 2.39 -12.34 -2.90
N ALA A 62 2.06 -12.37 -4.19
CA ALA A 62 1.83 -13.60 -4.90
C ALA A 62 3.16 -14.18 -5.41
N GLU A 63 3.78 -15.02 -4.58
CA GLU A 63 5.04 -15.63 -4.93
C GLU A 63 4.83 -16.89 -5.76
N SER A 64 3.59 -17.35 -5.77
CA SER A 64 3.21 -18.52 -6.55
C SER A 64 1.81 -18.33 -7.14
N GLY A 1 20.96 17.16 -3.14
CA GLY A 1 20.06 16.01 -2.89
C GLY A 1 19.03 15.88 -3.99
N ALA A 2 17.75 15.93 -3.58
CA ALA A 2 16.61 15.88 -4.51
C ALA A 2 16.44 14.47 -5.09
N MET A 3 15.18 14.06 -5.20
CA MET A 3 14.83 12.74 -5.73
C MET A 3 15.33 11.63 -4.82
N GLY A 4 15.48 11.95 -3.54
CA GLY A 4 15.94 10.96 -2.59
C GLY A 4 14.78 10.22 -1.96
N THR A 5 14.30 10.74 -0.85
CA THR A 5 13.16 10.16 -0.16
C THR A 5 11.86 10.51 -0.88
N LYS A 6 11.47 9.64 -1.80
CA LYS A 6 10.27 9.85 -2.59
C LYS A 6 9.12 9.03 -2.00
N TYR A 7 9.40 7.77 -1.75
CA TYR A 7 8.44 6.87 -1.15
C TYR A 7 9.09 6.12 0.00
N ALA A 8 8.71 6.46 1.22
CA ALA A 8 9.26 5.82 2.40
C ALA A 8 8.23 4.87 2.99
N VAL A 9 8.51 4.38 4.19
CA VAL A 9 7.59 3.47 4.87
C VAL A 9 6.23 4.14 5.09
N PRO A 10 5.17 3.56 4.52
CA PRO A 10 3.83 4.12 4.60
C PRO A 10 3.13 3.79 5.92
N ASP A 11 2.54 4.80 6.52
CA ASP A 11 1.81 4.64 7.76
C ASP A 11 0.32 4.50 7.48
N THR A 12 -0.28 3.45 8.02
CA THR A 12 -1.67 3.14 7.71
C THR A 12 -2.64 3.87 8.64
N SER A 13 -2.10 4.53 9.66
CA SER A 13 -2.92 5.29 10.58
C SER A 13 -3.46 6.54 9.88
N THR A 14 -2.61 7.16 9.07
CA THR A 14 -2.97 8.38 8.38
C THR A 14 -3.73 8.07 7.08
N TYR A 15 -4.07 6.81 6.88
CA TYR A 15 -4.84 6.42 5.71
C TYR A 15 -6.32 6.73 5.92
N GLN A 16 -7.06 6.79 4.83
CA GLN A 16 -8.47 7.16 4.88
C GLN A 16 -9.34 5.93 4.72
N TYR A 17 -9.91 5.46 5.82
CA TYR A 17 -10.69 4.23 5.80
C TYR A 17 -11.89 4.34 4.86
N ASP A 18 -11.84 3.57 3.78
CA ASP A 18 -12.93 3.52 2.83
C ASP A 18 -13.99 2.57 3.33
N GLU A 19 -15.00 3.13 3.97
CA GLU A 19 -16.02 2.35 4.64
C GLU A 19 -16.96 1.69 3.66
N SER A 20 -17.00 2.25 2.48
CA SER A 20 -17.84 1.78 1.42
C SER A 20 -17.20 0.59 0.70
N SER A 21 -15.88 0.46 0.85
CA SER A 21 -15.15 -0.63 0.22
C SER A 21 -14.67 -1.64 1.27
N GLY A 22 -14.40 -1.16 2.47
CA GLY A 22 -13.97 -2.03 3.55
C GLY A 22 -12.46 -2.12 3.66
N TYR A 23 -11.77 -1.16 3.06
CA TYR A 23 -10.31 -1.14 3.06
C TYR A 23 -9.82 0.27 3.36
N TYR A 24 -8.56 0.39 3.76
CA TYR A 24 -7.96 1.70 3.98
C TYR A 24 -7.51 2.30 2.67
N TYR A 25 -8.10 3.42 2.27
CA TYR A 25 -7.68 4.09 1.05
C TYR A 25 -6.36 4.79 1.26
N ASP A 26 -5.42 4.54 0.36
CA ASP A 26 -4.12 5.18 0.38
C ASP A 26 -4.06 6.27 -0.68
N PRO A 27 -4.25 7.52 -0.24
CA PRO A 27 -4.11 8.69 -1.12
C PRO A 27 -2.66 8.98 -1.48
N THR A 28 -1.73 8.34 -0.80
CA THR A 28 -0.32 8.56 -1.02
C THR A 28 0.12 7.98 -2.36
N THR A 29 -0.09 6.68 -2.54
CA THR A 29 0.27 6.01 -3.77
C THR A 29 -0.96 5.80 -4.64
N GLY A 30 -2.07 5.45 -4.00
CA GLY A 30 -3.31 5.22 -4.72
C GLY A 30 -3.73 3.78 -4.64
N LEU A 31 -3.58 3.19 -3.46
CA LEU A 31 -3.87 1.78 -3.26
C LEU A 31 -4.89 1.56 -2.16
N TYR A 32 -5.31 0.32 -2.00
CA TYR A 32 -6.19 -0.05 -0.89
C TYR A 32 -5.46 -0.97 0.07
N TYR A 33 -5.44 -0.59 1.34
CA TYR A 33 -4.78 -1.40 2.35
C TYR A 33 -5.79 -2.27 3.07
N ASP A 34 -5.59 -3.57 3.00
CA ASP A 34 -6.44 -4.51 3.72
C ASP A 34 -5.94 -4.65 5.15
N PRO A 35 -6.74 -4.22 6.13
CA PRO A 35 -6.38 -4.32 7.54
C PRO A 35 -6.21 -5.77 8.00
N ASN A 36 -6.84 -6.69 7.29
CA ASN A 36 -6.79 -8.09 7.69
C ASN A 36 -5.52 -8.78 7.18
N SER A 37 -5.28 -8.68 5.87
CA SER A 37 -4.11 -9.30 5.28
C SER A 37 -2.87 -8.43 5.44
N GLN A 38 -3.10 -7.14 5.67
CA GLN A 38 -2.04 -6.13 5.79
C GLN A 38 -1.31 -5.96 4.47
N TYR A 39 -2.04 -6.19 3.38
CA TYR A 39 -1.49 -6.04 2.04
C TYR A 39 -2.20 -4.93 1.30
N TYR A 40 -1.53 -4.41 0.29
CA TYR A 40 -2.08 -3.36 -0.54
C TYR A 40 -2.72 -3.93 -1.79
N TYR A 41 -3.87 -3.40 -2.13
CA TYR A 41 -4.63 -3.86 -3.28
C TYR A 41 -4.61 -2.80 -4.36
N ASN A 42 -4.01 -3.15 -5.47
CA ASN A 42 -4.02 -2.29 -6.64
C ASN A 42 -5.37 -2.46 -7.32
N SER A 43 -6.18 -1.41 -7.26
CA SER A 43 -7.53 -1.47 -7.80
C SER A 43 -7.52 -1.48 -9.33
N LEU A 44 -6.48 -0.91 -9.91
CA LEU A 44 -6.39 -0.79 -11.35
C LEU A 44 -5.92 -2.10 -11.99
N THR A 45 -4.90 -2.71 -11.38
CA THR A 45 -4.31 -3.93 -11.91
C THR A 45 -4.86 -5.17 -11.19
N GLN A 46 -5.64 -4.91 -10.14
CA GLN A 46 -6.32 -5.96 -9.37
C GLN A 46 -5.33 -6.95 -8.76
N GLN A 47 -4.24 -6.43 -8.22
CA GLN A 47 -3.19 -7.27 -7.68
C GLN A 47 -2.91 -6.90 -6.22
N TYR A 48 -2.24 -7.79 -5.51
CA TYR A 48 -1.88 -7.56 -4.14
C TYR A 48 -0.40 -7.30 -4.00
N LEU A 49 -0.07 -6.35 -3.16
CA LEU A 49 1.28 -5.90 -2.99
C LEU A 49 1.59 -5.70 -1.51
N TYR A 50 2.86 -5.57 -1.18
CA TYR A 50 3.25 -5.22 0.16
C TYR A 50 4.50 -4.37 0.13
N TRP A 51 4.60 -3.46 1.07
CA TRP A 51 5.74 -2.57 1.13
C TRP A 51 6.93 -3.27 1.76
N ASP A 52 7.98 -3.44 0.99
CA ASP A 52 9.23 -3.95 1.53
C ASP A 52 10.18 -2.78 1.74
N GLY A 53 10.48 -2.51 3.01
CA GLY A 53 11.26 -1.33 3.36
C GLY A 53 12.68 -1.36 2.83
N GLU A 54 13.19 -2.55 2.56
CA GLU A 54 14.54 -2.69 2.04
C GLU A 54 14.58 -2.30 0.57
N LYS A 55 13.64 -2.85 -0.20
CA LYS A 55 13.62 -2.62 -1.63
C LYS A 55 13.01 -1.25 -1.96
N GLU A 56 12.28 -0.70 -0.98
CA GLU A 56 11.62 0.61 -1.13
C GLU A 56 10.58 0.59 -2.24
N THR A 57 9.87 -0.51 -2.35
CA THR A 57 8.88 -0.68 -3.41
C THR A 57 7.75 -1.58 -2.94
N TYR A 58 6.63 -1.51 -3.66
CA TYR A 58 5.49 -2.38 -3.37
C TYR A 58 5.59 -3.63 -4.22
N VAL A 59 5.89 -4.74 -3.58
CA VAL A 59 6.16 -5.99 -4.26
C VAL A 59 4.96 -6.92 -4.17
N PRO A 60 4.64 -7.64 -5.26
CA PRO A 60 3.48 -8.53 -5.34
C PRO A 60 3.48 -9.60 -4.25
N ALA A 61 2.41 -9.61 -3.48
CA ALA A 61 2.28 -10.54 -2.37
C ALA A 61 1.41 -11.74 -2.73
N ALA A 62 0.88 -11.73 -3.95
CA ALA A 62 0.01 -12.81 -4.39
C ALA A 62 0.17 -13.07 -5.90
N GLU A 63 1.42 -13.07 -6.37
CA GLU A 63 1.69 -13.36 -7.77
C GLU A 63 1.56 -14.85 -8.04
N SER A 64 1.61 -15.63 -6.97
CA SER A 64 1.43 -17.07 -7.05
C SER A 64 0.49 -17.52 -5.94
N GLY A 1 24.33 9.27 -2.82
CA GLY A 1 24.63 7.89 -3.28
C GLY A 1 23.60 6.89 -2.80
N ALA A 2 22.75 6.44 -3.73
CA ALA A 2 21.71 5.45 -3.43
C ALA A 2 20.81 5.93 -2.30
N MET A 3 20.27 7.13 -2.44
CA MET A 3 19.43 7.71 -1.40
C MET A 3 18.21 8.39 -2.01
N GLY A 4 17.91 8.06 -3.26
CA GLY A 4 16.77 8.64 -3.94
C GLY A 4 15.45 8.01 -3.50
N THR A 5 15.23 7.97 -2.20
CA THR A 5 14.02 7.39 -1.64
C THR A 5 12.85 8.36 -1.75
N LYS A 6 11.78 7.90 -2.37
CA LYS A 6 10.58 8.72 -2.53
C LYS A 6 9.53 8.29 -1.52
N TYR A 7 9.43 6.98 -1.36
CA TYR A 7 8.46 6.40 -0.46
C TYR A 7 9.17 5.73 0.69
N ALA A 8 8.76 6.06 1.91
CA ALA A 8 9.33 5.44 3.10
C ALA A 8 8.33 4.44 3.66
N VAL A 9 8.63 3.88 4.83
CA VAL A 9 7.68 2.98 5.47
C VAL A 9 6.34 3.69 5.65
N PRO A 10 5.29 3.12 5.03
CA PRO A 10 3.99 3.78 4.92
C PRO A 10 3.18 3.72 6.21
N ASP A 11 2.63 4.86 6.60
CA ASP A 11 1.74 4.93 7.73
C ASP A 11 0.35 4.51 7.29
N THR A 12 -0.29 3.65 8.05
CA THR A 12 -1.62 3.21 7.73
C THR A 12 -2.67 4.04 8.45
N SER A 13 -2.22 4.79 9.46
CA SER A 13 -3.10 5.68 10.21
C SER A 13 -3.40 6.93 9.39
N THR A 14 -2.59 7.19 8.38
CA THR A 14 -2.77 8.36 7.53
C THR A 14 -3.67 8.03 6.34
N TYR A 15 -4.15 6.80 6.28
CA TYR A 15 -5.00 6.36 5.21
C TYR A 15 -6.45 6.72 5.50
N GLN A 16 -7.26 6.78 4.44
CA GLN A 16 -8.67 7.08 4.57
C GLN A 16 -9.47 5.80 4.48
N TYR A 17 -9.94 5.32 5.63
CA TYR A 17 -10.67 4.06 5.67
C TYR A 17 -12.00 4.19 4.94
N ASP A 18 -12.16 3.43 3.87
CA ASP A 18 -13.39 3.43 3.09
C ASP A 18 -14.26 2.28 3.56
N GLU A 19 -15.39 2.60 4.16
CA GLU A 19 -16.26 1.58 4.73
C GLU A 19 -17.09 0.89 3.66
N SER A 20 -17.17 1.52 2.51
CA SER A 20 -17.95 0.98 1.41
C SER A 20 -17.08 0.05 0.58
N SER A 21 -15.78 0.18 0.71
CA SER A 21 -14.84 -0.67 0.00
C SER A 21 -14.22 -1.69 0.95
N GLY A 22 -14.10 -1.30 2.21
CA GLY A 22 -13.56 -2.18 3.23
C GLY A 22 -12.05 -2.13 3.31
N TYR A 23 -11.48 -1.03 2.84
CA TYR A 23 -10.02 -0.90 2.79
C TYR A 23 -9.60 0.50 3.20
N TYR A 24 -8.36 0.61 3.66
CA TYR A 24 -7.75 1.90 3.92
C TYR A 24 -7.20 2.49 2.63
N TYR A 25 -7.83 3.55 2.15
CA TYR A 25 -7.41 4.17 0.90
C TYR A 25 -6.12 4.96 1.10
N ASP A 26 -5.14 4.67 0.27
CA ASP A 26 -3.89 5.41 0.25
C ASP A 26 -3.92 6.44 -0.86
N PRO A 27 -4.15 7.70 -0.50
CA PRO A 27 -4.12 8.83 -1.43
C PRO A 27 -2.72 9.12 -1.97
N THR A 28 -1.70 8.58 -1.30
CA THR A 28 -0.33 8.82 -1.67
C THR A 28 0.01 8.13 -3.00
N THR A 29 -0.02 6.81 -2.98
CA THR A 29 0.31 6.02 -4.16
C THR A 29 -0.94 5.73 -4.96
N GLY A 30 -2.05 5.56 -4.26
CA GLY A 30 -3.32 5.29 -4.92
C GLY A 30 -3.71 3.84 -4.78
N LEU A 31 -3.51 3.31 -3.59
CA LEU A 31 -3.75 1.90 -3.32
C LEU A 31 -4.77 1.73 -2.20
N TYR A 32 -5.13 0.49 -1.93
CA TYR A 32 -6.01 0.18 -0.81
C TYR A 32 -5.34 -0.82 0.13
N TYR A 33 -5.25 -0.48 1.41
CA TYR A 33 -4.64 -1.36 2.38
C TYR A 33 -5.71 -2.17 3.10
N ASP A 34 -5.57 -3.49 3.09
CA ASP A 34 -6.49 -4.35 3.81
C ASP A 34 -5.99 -4.56 5.23
N PRO A 35 -6.76 -4.12 6.22
CA PRO A 35 -6.41 -4.30 7.63
C PRO A 35 -6.43 -5.77 8.07
N ASN A 36 -7.13 -6.60 7.30
CA ASN A 36 -7.29 -7.99 7.68
C ASN A 36 -6.11 -8.83 7.17
N SER A 37 -5.82 -8.71 5.88
CA SER A 37 -4.72 -9.44 5.28
C SER A 37 -3.39 -8.74 5.52
N GLN A 38 -3.48 -7.45 5.84
CA GLN A 38 -2.32 -6.59 6.06
C GLN A 38 -1.50 -6.45 4.78
N TYR A 39 -2.19 -6.53 3.66
CA TYR A 39 -1.56 -6.37 2.36
C TYR A 39 -2.16 -5.18 1.63
N TYR A 40 -1.49 -4.72 0.60
CA TYR A 40 -1.96 -3.62 -0.20
C TYR A 40 -2.66 -4.12 -1.45
N TYR A 41 -3.58 -3.34 -1.95
CA TYR A 41 -4.39 -3.70 -3.09
C TYR A 41 -4.25 -2.65 -4.17
N ASN A 42 -3.82 -3.08 -5.34
CA ASN A 42 -3.70 -2.18 -6.48
C ASN A 42 -5.08 -1.98 -7.08
N SER A 43 -5.55 -0.74 -7.04
CA SER A 43 -6.91 -0.42 -7.43
C SER A 43 -7.13 -0.64 -8.94
N LEU A 44 -6.07 -0.57 -9.70
CA LEU A 44 -6.16 -0.70 -11.15
C LEU A 44 -5.98 -2.15 -11.59
N THR A 45 -4.92 -2.78 -11.11
CA THR A 45 -4.58 -4.13 -11.54
C THR A 45 -5.29 -5.18 -10.71
N GLN A 46 -5.84 -4.71 -9.58
CA GLN A 46 -6.61 -5.54 -8.67
C GLN A 46 -5.77 -6.68 -8.11
N GLN A 47 -4.52 -6.37 -7.82
CA GLN A 47 -3.58 -7.34 -7.28
C GLN A 47 -3.21 -6.97 -5.86
N TYR A 48 -2.55 -7.90 -5.16
CA TYR A 48 -2.12 -7.68 -3.80
C TYR A 48 -0.62 -7.45 -3.73
N LEU A 49 -0.25 -6.52 -2.86
CA LEU A 49 1.13 -6.08 -2.75
C LEU A 49 1.53 -5.98 -1.29
N TYR A 50 2.81 -5.75 -1.04
CA TYR A 50 3.30 -5.51 0.31
C TYR A 50 4.48 -4.58 0.25
N TRP A 51 4.70 -3.85 1.33
CA TRP A 51 5.81 -2.90 1.40
C TRP A 51 7.10 -3.60 1.79
N ASP A 52 8.11 -3.49 0.94
CA ASP A 52 9.44 -3.97 1.27
C ASP A 52 10.35 -2.79 1.55
N GLY A 53 10.96 -2.78 2.73
CA GLY A 53 11.76 -1.65 3.16
C GLY A 53 13.09 -1.55 2.45
N GLU A 54 13.48 -2.63 1.78
CA GLU A 54 14.77 -2.67 1.10
C GLU A 54 14.63 -2.12 -0.33
N LYS A 55 13.61 -2.61 -1.05
CA LYS A 55 13.38 -2.16 -2.41
C LYS A 55 12.66 -0.83 -2.43
N GLU A 56 12.09 -0.47 -1.28
CA GLU A 56 11.42 0.82 -1.07
C GLU A 56 10.25 0.99 -2.02
N THR A 57 9.49 -0.07 -2.21
CA THR A 57 8.36 -0.05 -3.12
C THR A 57 7.39 -1.16 -2.77
N TYR A 58 6.21 -1.13 -3.37
CA TYR A 58 5.20 -2.14 -3.13
C TYR A 58 5.35 -3.26 -4.14
N VAL A 59 5.74 -4.43 -3.66
CA VAL A 59 5.99 -5.57 -4.51
C VAL A 59 4.88 -6.60 -4.36
N PRO A 60 4.55 -7.31 -5.44
CA PRO A 60 3.43 -8.27 -5.46
C PRO A 60 3.55 -9.34 -4.40
N ALA A 61 2.53 -9.42 -3.55
CA ALA A 61 2.48 -10.44 -2.52
C ALA A 61 2.02 -11.77 -3.12
N ALA A 62 1.53 -11.70 -4.33
CA ALA A 62 1.10 -12.89 -5.06
C ALA A 62 2.10 -13.21 -6.17
N GLU A 63 3.36 -12.89 -5.93
CA GLU A 63 4.42 -13.17 -6.88
C GLU A 63 4.77 -14.65 -6.82
N SER A 64 4.47 -15.37 -7.89
CA SER A 64 4.78 -16.79 -7.97
C SER A 64 6.24 -16.99 -8.39
N GLY A 1 24.66 12.02 -4.03
CA GLY A 1 24.51 12.16 -2.55
C GLY A 1 23.37 11.31 -2.02
N ALA A 2 22.98 11.55 -0.78
CA ALA A 2 21.88 10.81 -0.16
C ALA A 2 20.57 11.59 -0.28
N MET A 3 20.59 12.69 -1.02
CA MET A 3 19.41 13.50 -1.21
C MET A 3 18.57 12.96 -2.37
N GLY A 4 17.99 11.79 -2.17
CA GLY A 4 17.16 11.20 -3.18
C GLY A 4 16.06 10.35 -2.58
N THR A 5 15.62 10.72 -1.38
CA THR A 5 14.57 9.98 -0.69
C THR A 5 13.22 10.23 -1.35
N LYS A 6 12.51 9.16 -1.65
CA LYS A 6 11.25 9.24 -2.37
C LYS A 6 10.17 8.49 -1.62
N TYR A 7 10.23 7.17 -1.69
CA TYR A 7 9.26 6.31 -1.03
C TYR A 7 9.76 5.88 0.34
N ALA A 8 8.91 6.03 1.33
CA ALA A 8 9.24 5.62 2.69
C ALA A 8 8.15 4.72 3.25
N VAL A 9 8.35 4.21 4.45
CA VAL A 9 7.36 3.35 5.09
C VAL A 9 6.03 4.09 5.26
N PRO A 10 4.93 3.44 4.91
CA PRO A 10 3.60 4.02 4.99
C PRO A 10 2.97 3.87 6.38
N ASP A 11 2.07 4.79 6.71
CA ASP A 11 1.34 4.73 7.97
C ASP A 11 -0.15 4.70 7.68
N THR A 12 -0.86 3.73 8.23
CA THR A 12 -2.24 3.49 7.86
C THR A 12 -3.23 4.34 8.68
N SER A 13 -2.70 5.24 9.50
CA SER A 13 -3.53 6.21 10.20
C SER A 13 -3.68 7.41 9.28
N THR A 14 -2.70 7.50 8.40
CA THR A 14 -2.64 8.48 7.36
C THR A 14 -3.64 8.13 6.24
N TYR A 15 -4.06 6.87 6.24
CA TYR A 15 -4.95 6.36 5.22
C TYR A 15 -6.39 6.79 5.46
N GLN A 16 -7.21 6.67 4.44
CA GLN A 16 -8.61 7.08 4.51
C GLN A 16 -9.51 5.86 4.44
N TYR A 17 -10.05 5.44 5.57
CA TYR A 17 -10.82 4.22 5.64
C TYR A 17 -12.19 4.38 4.98
N ASP A 18 -12.51 3.46 4.07
CA ASP A 18 -13.83 3.40 3.47
C ASP A 18 -14.59 2.20 4.00
N GLU A 19 -15.79 2.45 4.44
CA GLU A 19 -16.64 1.42 5.01
C GLU A 19 -17.38 0.65 3.93
N SER A 20 -17.55 1.29 2.79
CA SER A 20 -18.29 0.70 1.70
C SER A 20 -17.44 -0.37 1.00
N SER A 21 -16.13 -0.23 1.11
CA SER A 21 -15.22 -1.17 0.48
C SER A 21 -14.50 -2.00 1.54
N GLY A 22 -14.29 -1.41 2.72
CA GLY A 22 -13.66 -2.13 3.80
C GLY A 22 -12.16 -2.08 3.72
N TYR A 23 -11.65 -1.06 3.05
CA TYR A 23 -10.22 -0.88 2.87
C TYR A 23 -9.79 0.49 3.34
N TYR A 24 -8.53 0.61 3.71
CA TYR A 24 -7.93 1.90 3.96
C TYR A 24 -7.37 2.46 2.66
N TYR A 25 -7.93 3.54 2.19
CA TYR A 25 -7.49 4.12 0.93
C TYR A 25 -6.16 4.81 1.10
N ASP A 26 -5.25 4.52 0.18
CA ASP A 26 -3.91 5.08 0.19
C ASP A 26 -3.78 6.18 -0.87
N PRO A 27 -3.92 7.44 -0.45
CA PRO A 27 -3.68 8.60 -1.33
C PRO A 27 -2.20 8.80 -1.63
N THR A 28 -1.36 8.11 -0.87
CA THR A 28 0.08 8.21 -1.02
C THR A 28 0.52 7.74 -2.39
N THR A 29 0.09 6.54 -2.75
CA THR A 29 0.43 5.94 -4.03
C THR A 29 -0.83 5.72 -4.88
N GLY A 30 -1.89 5.26 -4.24
CA GLY A 30 -3.13 4.97 -4.94
C GLY A 30 -3.55 3.54 -4.73
N LEU A 31 -3.36 3.06 -3.52
CA LEU A 31 -3.61 1.67 -3.18
C LEU A 31 -4.75 1.54 -2.18
N TYR A 32 -5.12 0.31 -1.88
CA TYR A 32 -6.06 0.03 -0.82
C TYR A 32 -5.44 -0.92 0.19
N TYR A 33 -5.42 -0.54 1.45
CA TYR A 33 -4.85 -1.37 2.48
C TYR A 33 -5.92 -2.24 3.13
N ASP A 34 -5.70 -3.54 3.09
CA ASP A 34 -6.62 -4.46 3.75
C ASP A 34 -6.22 -4.60 5.22
N PRO A 35 -7.05 -4.08 6.12
CA PRO A 35 -6.74 -4.07 7.56
C PRO A 35 -6.61 -5.46 8.17
N ASN A 36 -7.28 -6.44 7.57
CA ASN A 36 -7.29 -7.79 8.11
C ASN A 36 -6.14 -8.61 7.56
N SER A 37 -5.89 -8.50 6.27
CA SER A 37 -4.86 -9.29 5.61
C SER A 37 -3.51 -8.55 5.66
N GLN A 38 -3.59 -7.25 5.92
CA GLN A 38 -2.41 -6.38 6.05
C GLN A 38 -1.62 -6.31 4.75
N TYR A 39 -2.30 -6.53 3.63
CA TYR A 39 -1.70 -6.39 2.32
C TYR A 39 -2.24 -5.14 1.63
N TYR A 40 -1.60 -4.76 0.55
CA TYR A 40 -2.04 -3.63 -0.24
C TYR A 40 -2.70 -4.12 -1.52
N TYR A 41 -3.77 -3.47 -1.88
CA TYR A 41 -4.52 -3.79 -3.06
C TYR A 41 -4.33 -2.72 -4.11
N ASN A 42 -3.69 -3.08 -5.20
CA ASN A 42 -3.45 -2.14 -6.29
C ASN A 42 -4.74 -1.89 -7.03
N SER A 43 -5.25 -0.67 -6.95
CA SER A 43 -6.53 -0.33 -7.57
C SER A 43 -6.40 -0.25 -9.09
N LEU A 44 -5.17 -0.13 -9.58
CA LEU A 44 -4.91 -0.02 -11.00
C LEU A 44 -4.78 -1.40 -11.64
N THR A 45 -3.93 -2.24 -11.06
CA THR A 45 -3.62 -3.54 -11.64
C THR A 45 -4.50 -4.64 -11.05
N GLN A 46 -5.15 -4.30 -9.93
CA GLN A 46 -6.05 -5.20 -9.22
C GLN A 46 -5.30 -6.42 -8.69
N GLN A 47 -4.15 -6.16 -8.06
CA GLN A 47 -3.31 -7.22 -7.52
C GLN A 47 -2.96 -6.90 -6.07
N TYR A 48 -2.48 -7.90 -5.34
CA TYR A 48 -2.12 -7.71 -3.95
C TYR A 48 -0.61 -7.52 -3.79
N LEU A 49 -0.26 -6.60 -2.92
CA LEU A 49 1.13 -6.14 -2.80
C LEU A 49 1.52 -6.00 -1.33
N TYR A 50 2.81 -5.83 -1.10
CA TYR A 50 3.32 -5.54 0.24
C TYR A 50 4.50 -4.59 0.14
N TRP A 51 4.68 -3.78 1.17
CA TRP A 51 5.77 -2.82 1.20
C TRP A 51 7.08 -3.49 1.58
N ASP A 52 8.04 -3.47 0.67
CA ASP A 52 9.38 -3.95 0.98
C ASP A 52 10.31 -2.76 1.21
N GLY A 53 10.96 -2.75 2.36
CA GLY A 53 11.82 -1.64 2.72
C GLY A 53 13.16 -1.72 2.03
N GLU A 54 13.47 -2.86 1.42
CA GLU A 54 14.73 -3.02 0.73
C GLU A 54 14.63 -2.37 -0.66
N LYS A 55 13.60 -2.76 -1.41
CA LYS A 55 13.37 -2.22 -2.75
C LYS A 55 12.77 -0.82 -2.69
N GLU A 56 12.20 -0.48 -1.52
CA GLU A 56 11.51 0.79 -1.31
C GLU A 56 10.30 0.90 -2.23
N THR A 57 9.56 -0.19 -2.35
CA THR A 57 8.42 -0.24 -3.25
C THR A 57 7.43 -1.32 -2.83
N TYR A 58 6.26 -1.31 -3.47
CA TYR A 58 5.22 -2.29 -3.21
C TYR A 58 5.31 -3.42 -4.24
N VAL A 59 5.67 -4.60 -3.76
CA VAL A 59 5.87 -5.75 -4.62
C VAL A 59 4.75 -6.78 -4.40
N PRO A 60 4.45 -7.58 -5.44
CA PRO A 60 3.37 -8.57 -5.40
C PRO A 60 3.53 -9.56 -4.24
N ALA A 61 2.47 -9.71 -3.47
CA ALA A 61 2.48 -10.57 -2.29
C ALA A 61 1.87 -11.94 -2.60
N ALA A 62 1.45 -12.13 -3.84
CA ALA A 62 0.84 -13.38 -4.24
C ALA A 62 1.26 -13.75 -5.66
N GLU A 63 2.45 -14.33 -5.78
CA GLU A 63 2.94 -14.79 -7.07
C GLU A 63 2.72 -16.30 -7.19
N SER A 64 2.88 -16.99 -6.08
CA SER A 64 2.62 -18.41 -6.03
C SER A 64 1.18 -18.66 -5.61
N GLY A 1 23.38 14.50 5.65
CA GLY A 1 22.35 13.46 5.83
C GLY A 1 22.20 12.61 4.60
N ALA A 2 21.24 11.68 4.62
CA ALA A 2 20.97 10.85 3.46
C ALA A 2 20.06 11.59 2.50
N MET A 3 18.87 11.96 2.99
CA MET A 3 17.92 12.78 2.23
C MET A 3 17.66 12.20 0.84
N GLY A 4 17.28 10.93 0.81
CA GLY A 4 16.99 10.28 -0.45
C GLY A 4 15.74 9.42 -0.37
N THR A 5 14.82 9.83 0.50
CA THR A 5 13.59 9.07 0.68
C THR A 5 12.50 9.56 -0.27
N LYS A 6 12.47 8.97 -1.46
CA LYS A 6 11.43 9.28 -2.43
C LYS A 6 10.20 8.44 -2.12
N TYR A 7 10.46 7.22 -1.68
CA TYR A 7 9.42 6.32 -1.22
C TYR A 7 9.87 5.64 0.06
N ALA A 8 9.38 6.13 1.19
CA ALA A 8 9.74 5.57 2.49
C ALA A 8 8.58 4.75 3.03
N VAL A 9 8.72 4.27 4.27
CA VAL A 9 7.68 3.44 4.88
C VAL A 9 6.36 4.21 4.99
N PRO A 10 5.26 3.58 4.56
CA PRO A 10 3.95 4.20 4.58
C PRO A 10 3.20 3.96 5.89
N ASP A 11 2.64 5.03 6.44
CA ASP A 11 1.81 4.94 7.63
C ASP A 11 0.36 4.77 7.23
N THR A 12 -0.29 3.77 7.78
CA THR A 12 -1.67 3.49 7.44
C THR A 12 -2.64 4.34 8.24
N SER A 13 -2.11 5.00 9.26
CA SER A 13 -2.91 5.87 10.11
C SER A 13 -3.27 7.17 9.38
N THR A 14 -2.60 7.42 8.27
CA THR A 14 -2.85 8.63 7.49
C THR A 14 -3.67 8.29 6.23
N TYR A 15 -4.30 7.14 6.24
CA TYR A 15 -5.15 6.73 5.13
C TYR A 15 -6.61 7.02 5.43
N GLN A 16 -7.46 6.84 4.43
CA GLN A 16 -8.89 7.10 4.58
C GLN A 16 -9.66 5.79 4.56
N TYR A 17 -10.09 5.33 5.73
CA TYR A 17 -10.85 4.09 5.81
C TYR A 17 -12.14 4.19 4.99
N ASP A 18 -12.24 3.33 4.00
CA ASP A 18 -13.43 3.27 3.15
C ASP A 18 -14.36 2.21 3.69
N GLU A 19 -15.48 2.64 4.25
CA GLU A 19 -16.41 1.73 4.90
C GLU A 19 -17.16 0.88 3.91
N SER A 20 -17.26 1.37 2.69
CA SER A 20 -17.96 0.66 1.64
C SER A 20 -17.10 -0.47 1.10
N SER A 21 -15.79 -0.30 1.19
CA SER A 21 -14.86 -1.29 0.68
C SER A 21 -14.29 -2.15 1.81
N GLY A 22 -14.16 -1.55 2.99
CA GLY A 22 -13.60 -2.26 4.14
C GLY A 22 -12.10 -2.14 4.18
N TYR A 23 -11.57 -1.32 3.28
CA TYR A 23 -10.12 -1.13 3.14
C TYR A 23 -9.75 0.29 3.50
N TYR A 24 -8.48 0.52 3.80
CA TYR A 24 -7.97 1.86 3.99
C TYR A 24 -7.50 2.41 2.66
N TYR A 25 -8.14 3.46 2.19
CA TYR A 25 -7.79 4.00 0.89
C TYR A 25 -6.49 4.79 0.98
N ASP A 26 -5.53 4.36 0.17
CA ASP A 26 -4.24 5.05 0.02
C ASP A 26 -4.40 6.24 -0.91
N PRO A 27 -4.46 7.47 -0.38
CA PRO A 27 -4.56 8.67 -1.20
C PRO A 27 -3.19 9.06 -1.74
N THR A 28 -2.17 8.56 -1.08
CA THR A 28 -0.79 8.84 -1.45
C THR A 28 -0.33 7.87 -2.52
N THR A 29 -0.87 6.65 -2.49
CA THR A 29 -0.41 5.59 -3.37
C THR A 29 -1.44 5.24 -4.44
N GLY A 30 -2.69 5.63 -4.21
CA GLY A 30 -3.76 5.29 -5.13
C GLY A 30 -4.16 3.83 -5.01
N LEU A 31 -4.01 3.31 -3.80
CA LEU A 31 -4.22 1.88 -3.55
C LEU A 31 -5.23 1.67 -2.43
N TYR A 32 -5.43 0.42 -2.06
CA TYR A 32 -6.23 0.08 -0.89
C TYR A 32 -5.42 -0.80 0.05
N TYR A 33 -5.30 -0.38 1.29
CA TYR A 33 -4.62 -1.18 2.30
C TYR A 33 -5.63 -2.07 3.02
N ASP A 34 -5.41 -3.37 2.97
CA ASP A 34 -6.25 -4.31 3.70
C ASP A 34 -5.79 -4.40 5.14
N PRO A 35 -6.64 -4.02 6.09
CA PRO A 35 -6.30 -4.09 7.51
C PRO A 35 -6.17 -5.53 8.00
N ASN A 36 -6.74 -6.47 7.24
CA ASN A 36 -6.75 -7.86 7.65
C ASN A 36 -5.46 -8.57 7.22
N SER A 37 -5.14 -8.48 5.94
CA SER A 37 -3.95 -9.14 5.40
C SER A 37 -2.72 -8.23 5.50
N GLN A 38 -2.98 -6.93 5.59
CA GLN A 38 -1.94 -5.90 5.63
C GLN A 38 -1.19 -5.79 4.30
N TYR A 39 -1.87 -6.22 3.24
CA TYR A 39 -1.32 -6.08 1.89
C TYR A 39 -1.99 -4.91 1.18
N TYR A 40 -1.34 -4.40 0.15
CA TYR A 40 -1.86 -3.29 -0.61
C TYR A 40 -2.57 -3.79 -1.87
N TYR A 41 -3.68 -3.17 -2.17
CA TYR A 41 -4.51 -3.57 -3.29
C TYR A 41 -4.45 -2.52 -4.37
N ASN A 42 -3.92 -2.91 -5.52
CA ASN A 42 -3.85 -2.03 -6.66
C ASN A 42 -5.24 -1.89 -7.27
N SER A 43 -5.86 -0.73 -7.10
CA SER A 43 -7.23 -0.52 -7.52
C SER A 43 -7.38 -0.64 -9.04
N LEU A 44 -6.30 -0.36 -9.75
CA LEU A 44 -6.32 -0.39 -11.21
C LEU A 44 -6.23 -1.83 -11.74
N THR A 45 -5.25 -2.58 -11.25
CA THR A 45 -4.96 -3.90 -11.79
C THR A 45 -5.66 -4.99 -10.97
N GLN A 46 -6.24 -4.58 -9.84
CA GLN A 46 -6.91 -5.50 -8.93
C GLN A 46 -5.91 -6.52 -8.40
N GLN A 47 -4.72 -6.02 -8.12
CA GLN A 47 -3.58 -6.82 -7.76
C GLN A 47 -3.21 -6.58 -6.28
N TYR A 48 -2.37 -7.44 -5.73
CA TYR A 48 -1.96 -7.31 -4.33
C TYR A 48 -0.46 -7.13 -4.22
N LEU A 49 -0.07 -6.24 -3.33
CA LEU A 49 1.32 -5.87 -3.14
C LEU A 49 1.63 -5.81 -1.65
N TYR A 50 2.89 -5.60 -1.33
CA TYR A 50 3.29 -5.38 0.05
C TYR A 50 4.51 -4.48 0.07
N TRP A 51 4.61 -3.66 1.10
CA TRP A 51 5.75 -2.77 1.24
C TRP A 51 6.94 -3.53 1.80
N ASP A 52 7.96 -3.70 0.98
CA ASP A 52 9.20 -4.30 1.43
C ASP A 52 10.13 -3.21 1.93
N GLY A 53 10.43 -3.22 3.22
CA GLY A 53 11.22 -2.16 3.83
C GLY A 53 12.69 -2.27 3.51
N GLU A 54 13.10 -3.42 3.01
CA GLU A 54 14.48 -3.65 2.64
C GLU A 54 14.76 -3.02 1.28
N LYS A 55 13.87 -3.28 0.34
CA LYS A 55 14.02 -2.78 -1.03
C LYS A 55 13.40 -1.41 -1.17
N GLU A 56 12.53 -1.08 -0.23
CA GLU A 56 11.80 0.19 -0.22
C GLU A 56 10.96 0.33 -1.50
N THR A 57 10.02 -0.59 -1.66
CA THR A 57 9.15 -0.62 -2.84
C THR A 57 7.94 -1.53 -2.58
N TYR A 58 6.92 -1.41 -3.42
CA TYR A 58 5.74 -2.27 -3.33
C TYR A 58 5.88 -3.42 -4.30
N VAL A 59 6.12 -4.59 -3.77
CA VAL A 59 6.34 -5.78 -4.57
C VAL A 59 5.14 -6.70 -4.50
N PRO A 60 4.84 -7.41 -5.60
CA PRO A 60 3.65 -8.27 -5.70
C PRO A 60 3.71 -9.46 -4.77
N ALA A 61 2.66 -9.63 -3.98
CA ALA A 61 2.61 -10.71 -3.00
C ALA A 61 1.97 -11.96 -3.60
N ALA A 62 2.27 -12.21 -4.88
CA ALA A 62 1.67 -13.29 -5.64
C ALA A 62 0.18 -13.04 -5.87
N GLU A 63 -0.16 -12.75 -7.12
CA GLU A 63 -1.52 -12.35 -7.48
C GLU A 63 -2.47 -13.53 -7.41
N SER A 64 -1.95 -14.71 -7.72
CA SER A 64 -2.72 -15.94 -7.60
C SER A 64 -2.15 -16.81 -6.50
N GLY A 1 15.73 16.86 -0.59
CA GLY A 1 15.46 16.01 0.60
C GLY A 1 15.73 14.55 0.32
N ALA A 2 17.01 14.17 0.37
CA ALA A 2 17.45 12.79 0.16
C ALA A 2 17.37 12.35 -1.31
N MET A 3 16.33 12.84 -2.01
CA MET A 3 16.11 12.56 -3.44
C MET A 3 15.61 11.13 -3.68
N GLY A 4 16.03 10.20 -2.84
CA GLY A 4 15.56 8.83 -2.97
C GLY A 4 14.25 8.61 -2.26
N THR A 5 13.91 9.51 -1.34
CA THR A 5 12.69 9.39 -0.57
C THR A 5 11.53 10.03 -1.32
N LYS A 6 11.08 9.35 -2.34
CA LYS A 6 9.88 9.73 -3.06
C LYS A 6 8.71 8.93 -2.52
N TYR A 7 9.01 7.67 -2.21
CA TYR A 7 8.07 6.78 -1.58
C TYR A 7 8.76 6.11 -0.40
N ALA A 8 8.41 6.54 0.80
CA ALA A 8 8.98 5.97 2.01
C ALA A 8 7.99 5.02 2.65
N VAL A 9 8.36 4.48 3.81
CA VAL A 9 7.49 3.56 4.53
C VAL A 9 6.09 4.16 4.74
N PRO A 10 5.06 3.43 4.28
CA PRO A 10 3.68 3.88 4.40
C PRO A 10 3.10 3.67 5.78
N ASP A 11 2.45 4.70 6.29
CA ASP A 11 1.74 4.59 7.55
C ASP A 11 0.27 4.37 7.26
N THR A 12 -0.30 3.35 7.86
CA THR A 12 -1.68 3.01 7.61
C THR A 12 -2.62 3.92 8.40
N SER A 13 -2.05 4.73 9.27
CA SER A 13 -2.82 5.67 10.07
C SER A 13 -3.15 6.93 9.26
N THR A 14 -2.33 7.19 8.24
CA THR A 14 -2.55 8.36 7.37
C THR A 14 -3.49 8.01 6.23
N TYR A 15 -4.13 6.85 6.31
CA TYR A 15 -5.05 6.40 5.28
C TYR A 15 -6.48 6.79 5.63
N GLN A 16 -7.35 6.76 4.63
CA GLN A 16 -8.77 7.05 4.83
C GLN A 16 -9.57 5.77 4.72
N TYR A 17 -10.16 5.33 5.82
CA TYR A 17 -10.91 4.09 5.83
C TYR A 17 -12.20 4.24 5.02
N ASP A 18 -12.40 3.35 4.06
CA ASP A 18 -13.62 3.32 3.30
C ASP A 18 -14.52 2.21 3.82
N GLU A 19 -15.78 2.55 4.03
CA GLU A 19 -16.74 1.65 4.63
C GLU A 19 -17.37 0.69 3.63
N SER A 20 -17.56 1.17 2.41
CA SER A 20 -18.26 0.42 1.40
C SER A 20 -17.37 -0.70 0.87
N SER A 21 -16.08 -0.45 0.90
CA SER A 21 -15.11 -1.41 0.42
C SER A 21 -14.36 -2.08 1.57
N GLY A 22 -14.28 -1.38 2.70
CA GLY A 22 -13.62 -1.92 3.88
C GLY A 22 -12.11 -1.84 3.79
N TYR A 23 -11.61 -0.94 2.95
CA TYR A 23 -10.18 -0.80 2.76
C TYR A 23 -9.72 0.58 3.20
N TYR A 24 -8.46 0.68 3.57
CA TYR A 24 -7.85 1.96 3.90
C TYR A 24 -7.27 2.60 2.65
N TYR A 25 -7.87 3.69 2.21
CA TYR A 25 -7.43 4.35 0.99
C TYR A 25 -6.13 5.12 1.24
N ASP A 26 -5.11 4.77 0.47
CA ASP A 26 -3.83 5.48 0.50
C ASP A 26 -3.80 6.55 -0.57
N PRO A 27 -3.79 7.82 -0.16
CA PRO A 27 -3.76 8.96 -1.06
C PRO A 27 -2.35 9.31 -1.50
N THR A 28 -1.38 8.70 -0.82
CA THR A 28 0.03 8.95 -1.10
C THR A 28 0.45 8.30 -2.41
N THR A 29 0.17 7.01 -2.54
CA THR A 29 0.53 6.27 -3.72
C THR A 29 -0.71 6.00 -4.58
N GLY A 30 -1.83 5.72 -3.91
CA GLY A 30 -3.06 5.44 -4.61
C GLY A 30 -3.47 3.99 -4.46
N LEU A 31 -3.24 3.45 -3.28
CA LEU A 31 -3.47 2.03 -3.01
C LEU A 31 -4.57 1.86 -1.99
N TYR A 32 -4.95 0.62 -1.75
CA TYR A 32 -5.90 0.31 -0.71
C TYR A 32 -5.30 -0.68 0.26
N TYR A 33 -5.30 -0.36 1.53
CA TYR A 33 -4.79 -1.26 2.53
C TYR A 33 -5.89 -2.17 3.05
N ASP A 34 -5.62 -3.46 3.01
CA ASP A 34 -6.55 -4.46 3.50
C ASP A 34 -6.29 -4.71 4.98
N PRO A 35 -7.18 -4.24 5.86
CA PRO A 35 -7.05 -4.43 7.30
C PRO A 35 -7.20 -5.89 7.72
N ASN A 36 -7.84 -6.66 6.86
CA ASN A 36 -8.16 -8.04 7.16
C ASN A 36 -7.02 -8.96 6.75
N SER A 37 -6.48 -8.71 5.56
CA SER A 37 -5.40 -9.54 5.03
C SER A 37 -4.04 -8.95 5.38
N GLN A 38 -4.05 -7.67 5.78
CA GLN A 38 -2.83 -6.94 6.16
C GLN A 38 -1.86 -6.80 4.98
N TYR A 39 -2.43 -6.62 3.80
CA TYR A 39 -1.65 -6.39 2.59
C TYR A 39 -2.23 -5.20 1.84
N TYR A 40 -1.51 -4.73 0.83
CA TYR A 40 -1.97 -3.60 0.04
C TYR A 40 -2.63 -4.09 -1.24
N TYR A 41 -3.59 -3.32 -1.72
CA TYR A 41 -4.34 -3.67 -2.89
C TYR A 41 -4.14 -2.61 -3.96
N ASN A 42 -3.63 -3.03 -5.10
CA ASN A 42 -3.49 -2.14 -6.23
C ASN A 42 -4.83 -2.06 -6.95
N SER A 43 -5.48 -0.92 -6.85
CA SER A 43 -6.81 -0.74 -7.43
C SER A 43 -6.75 -0.61 -8.94
N LEU A 44 -5.56 -0.42 -9.48
CA LEU A 44 -5.38 -0.27 -10.91
C LEU A 44 -5.13 -1.62 -11.58
N THR A 45 -4.26 -2.43 -10.99
CA THR A 45 -3.86 -3.69 -11.58
C THR A 45 -4.63 -4.86 -10.94
N GLN A 46 -5.29 -4.56 -9.82
CA GLN A 46 -6.07 -5.55 -9.07
C GLN A 46 -5.18 -6.67 -8.54
N GLN A 47 -4.25 -6.31 -7.66
CA GLN A 47 -3.29 -7.25 -7.13
C GLN A 47 -2.96 -6.90 -5.68
N TYR A 48 -2.38 -7.85 -4.96
CA TYR A 48 -2.00 -7.62 -3.57
C TYR A 48 -0.50 -7.41 -3.45
N LEU A 49 -0.13 -6.43 -2.65
CA LEU A 49 1.24 -5.99 -2.55
C LEU A 49 1.66 -5.85 -1.09
N TYR A 50 2.96 -5.73 -0.87
CA TYR A 50 3.49 -5.46 0.45
C TYR A 50 4.69 -4.54 0.31
N TRP A 51 4.94 -3.73 1.32
CA TRP A 51 6.05 -2.80 1.27
C TRP A 51 7.31 -3.45 1.78
N ASP A 52 8.32 -3.50 0.94
CA ASP A 52 9.62 -4.02 1.36
C ASP A 52 10.57 -2.85 1.61
N GLY A 53 11.12 -2.80 2.82
CA GLY A 53 11.94 -1.67 3.25
C GLY A 53 13.24 -1.54 2.47
N GLU A 54 13.68 -2.60 1.82
CA GLU A 54 14.93 -2.56 1.07
C GLU A 54 14.65 -2.28 -0.39
N LYS A 55 13.61 -2.91 -0.93
CA LYS A 55 13.28 -2.77 -2.33
C LYS A 55 12.66 -1.40 -2.61
N GLU A 56 12.19 -0.76 -1.54
CA GLU A 56 11.64 0.59 -1.58
C GLU A 56 10.47 0.68 -2.55
N THR A 57 9.66 -0.36 -2.58
CA THR A 57 8.54 -0.43 -3.48
C THR A 57 7.52 -1.44 -2.97
N TYR A 58 6.30 -1.35 -3.49
CA TYR A 58 5.27 -2.30 -3.15
C TYR A 58 5.36 -3.48 -4.09
N VAL A 59 5.80 -4.60 -3.55
CA VAL A 59 6.03 -5.80 -4.32
C VAL A 59 4.88 -6.78 -4.13
N PRO A 60 4.50 -7.49 -5.20
CA PRO A 60 3.34 -8.39 -5.20
C PRO A 60 3.51 -9.57 -4.25
N ALA A 61 2.59 -9.69 -3.31
CA ALA A 61 2.59 -10.79 -2.36
C ALA A 61 1.65 -11.89 -2.80
N ALA A 62 0.55 -11.50 -3.42
CA ALA A 62 -0.45 -12.44 -3.89
C ALA A 62 -0.71 -12.25 -5.37
N GLU A 63 -0.10 -13.08 -6.18
CA GLU A 63 -0.30 -13.04 -7.63
C GLU A 63 -1.09 -14.25 -8.09
N SER A 64 -1.98 -14.04 -9.04
CA SER A 64 -2.80 -15.12 -9.55
C SER A 64 -3.19 -14.85 -11.01
N GLY A 1 11.81 12.09 -4.91
CA GLY A 1 12.97 13.00 -4.99
C GLY A 1 14.10 12.54 -4.09
N ALA A 2 15.32 12.85 -4.49
CA ALA A 2 16.49 12.47 -3.72
C ALA A 2 16.86 13.57 -2.73
N MET A 3 16.72 14.81 -3.17
CA MET A 3 17.02 15.96 -2.32
C MET A 3 16.02 16.05 -1.17
N GLY A 4 14.76 15.75 -1.48
CA GLY A 4 13.74 15.74 -0.46
C GLY A 4 13.38 14.34 -0.03
N THR A 5 12.22 13.85 -0.49
CA THR A 5 11.76 12.53 -0.11
C THR A 5 11.26 11.77 -1.34
N LYS A 6 11.31 10.44 -1.26
CA LYS A 6 10.78 9.58 -2.30
C LYS A 6 9.79 8.60 -1.68
N TYR A 7 9.52 7.50 -2.38
CA TYR A 7 8.73 6.42 -1.80
C TYR A 7 9.36 5.95 -0.50
N ALA A 8 8.66 6.15 0.60
CA ALA A 8 9.17 5.81 1.92
C ALA A 8 8.18 4.94 2.68
N VAL A 9 8.55 4.54 3.88
CA VAL A 9 7.70 3.69 4.71
C VAL A 9 6.35 4.37 4.99
N PRO A 10 5.26 3.74 4.56
CA PRO A 10 3.90 4.26 4.75
C PRO A 10 3.30 3.91 6.10
N ASP A 11 2.61 4.87 6.68
CA ASP A 11 1.85 4.63 7.92
C ASP A 11 0.38 4.47 7.57
N THR A 12 -0.17 3.35 7.99
CA THR A 12 -1.55 3.03 7.69
C THR A 12 -2.52 3.84 8.53
N SER A 13 -1.99 4.50 9.55
CA SER A 13 -2.81 5.33 10.43
C SER A 13 -3.25 6.61 9.72
N THR A 14 -2.49 7.00 8.70
CA THR A 14 -2.79 8.23 7.97
C THR A 14 -3.59 7.95 6.70
N TYR A 15 -4.20 6.78 6.62
CA TYR A 15 -5.05 6.43 5.48
C TYR A 15 -6.50 6.78 5.77
N GLN A 16 -7.33 6.67 4.74
CA GLN A 16 -8.76 6.96 4.87
C GLN A 16 -9.56 5.67 4.78
N TYR A 17 -10.04 5.19 5.91
CA TYR A 17 -10.82 3.96 5.94
C TYR A 17 -12.15 4.17 5.25
N ASP A 18 -12.43 3.36 4.24
CA ASP A 18 -13.67 3.45 3.52
C ASP A 18 -14.61 2.33 3.92
N GLU A 19 -15.87 2.67 4.09
CA GLU A 19 -16.88 1.75 4.61
C GLU A 19 -17.44 0.88 3.50
N SER A 20 -17.46 1.42 2.31
CA SER A 20 -18.05 0.76 1.17
C SER A 20 -17.04 -0.18 0.54
N SER A 21 -15.77 0.17 0.66
CA SER A 21 -14.71 -0.66 0.13
C SER A 21 -14.13 -1.56 1.20
N GLY A 22 -14.26 -1.16 2.46
CA GLY A 22 -13.77 -1.97 3.57
C GLY A 22 -12.26 -1.95 3.71
N TYR A 23 -11.61 -1.07 2.94
CA TYR A 23 -10.17 -0.96 2.96
C TYR A 23 -9.75 0.44 3.41
N TYR A 24 -8.47 0.57 3.73
CA TYR A 24 -7.89 1.87 4.01
C TYR A 24 -7.36 2.49 2.73
N TYR A 25 -7.98 3.56 2.28
CA TYR A 25 -7.58 4.19 1.03
C TYR A 25 -6.27 4.94 1.20
N ASP A 26 -5.35 4.67 0.29
CA ASP A 26 -4.05 5.31 0.25
C ASP A 26 -4.04 6.40 -0.81
N PRO A 27 -4.21 7.66 -0.39
CA PRO A 27 -4.10 8.82 -1.26
C PRO A 27 -2.65 9.14 -1.64
N THR A 28 -1.71 8.51 -0.94
CA THR A 28 -0.29 8.77 -1.17
C THR A 28 0.14 8.24 -2.54
N THR A 29 -0.25 7.02 -2.85
CA THR A 29 0.07 6.41 -4.13
C THR A 29 -1.20 6.14 -4.93
N GLY A 30 -2.22 5.65 -4.24
CA GLY A 30 -3.48 5.36 -4.91
C GLY A 30 -3.88 3.91 -4.75
N LEU A 31 -3.59 3.36 -3.58
CA LEU A 31 -3.81 1.94 -3.32
C LEU A 31 -4.82 1.75 -2.20
N TYR A 32 -5.13 0.50 -1.91
CA TYR A 32 -6.02 0.16 -0.80
C TYR A 32 -5.30 -0.77 0.17
N TYR A 33 -5.24 -0.40 1.43
CA TYR A 33 -4.66 -1.25 2.44
C TYR A 33 -5.73 -2.10 3.09
N ASP A 34 -5.57 -3.41 3.00
CA ASP A 34 -6.49 -4.33 3.65
C ASP A 34 -6.10 -4.56 5.09
N PRO A 35 -6.93 -4.11 6.03
CA PRO A 35 -6.68 -4.28 7.46
C PRO A 35 -6.61 -5.74 7.88
N ASN A 36 -7.20 -6.60 7.07
CA ASN A 36 -7.25 -8.02 7.41
C ASN A 36 -5.98 -8.72 6.96
N SER A 37 -5.64 -8.58 5.69
CA SER A 37 -4.48 -9.26 5.14
C SER A 37 -3.18 -8.52 5.42
N GLN A 38 -3.31 -7.22 5.73
CA GLN A 38 -2.16 -6.33 5.95
C GLN A 38 -1.37 -6.14 4.65
N TYR A 39 -2.09 -6.22 3.53
CA TYR A 39 -1.49 -6.04 2.21
C TYR A 39 -2.14 -4.89 1.48
N TYR A 40 -1.48 -4.44 0.43
CA TYR A 40 -1.98 -3.36 -0.39
C TYR A 40 -2.65 -3.91 -1.64
N TYR A 41 -3.74 -3.29 -2.01
CA TYR A 41 -4.54 -3.71 -3.13
C TYR A 41 -4.51 -2.67 -4.23
N ASN A 42 -3.97 -3.06 -5.37
CA ASN A 42 -3.93 -2.18 -6.52
C ASN A 42 -5.31 -2.10 -7.14
N SER A 43 -5.88 -0.89 -7.17
CA SER A 43 -7.24 -0.70 -7.64
C SER A 43 -7.35 -0.78 -9.15
N LEU A 44 -6.21 -0.67 -9.84
CA LEU A 44 -6.18 -0.71 -11.28
C LEU A 44 -5.93 -2.13 -11.79
N THR A 45 -4.81 -2.72 -11.36
CA THR A 45 -4.41 -4.02 -11.85
C THR A 45 -5.05 -5.13 -11.02
N GLN A 46 -5.57 -4.72 -9.87
CA GLN A 46 -6.27 -5.60 -8.94
C GLN A 46 -5.37 -6.74 -8.46
N GLN A 47 -4.18 -6.36 -8.04
CA GLN A 47 -3.21 -7.30 -7.49
C GLN A 47 -2.88 -6.92 -6.06
N TYR A 48 -2.19 -7.81 -5.36
CA TYR A 48 -1.84 -7.57 -3.97
C TYR A 48 -0.36 -7.32 -3.81
N LEU A 49 -0.04 -6.35 -2.97
CA LEU A 49 1.32 -5.88 -2.80
C LEU A 49 1.64 -5.71 -1.32
N TYR A 50 2.91 -5.50 -1.01
CA TYR A 50 3.31 -5.18 0.35
C TYR A 50 4.56 -4.30 0.30
N TRP A 51 4.71 -3.43 1.30
CA TRP A 51 5.87 -2.57 1.37
C TRP A 51 7.04 -3.30 2.01
N ASP A 52 8.11 -3.44 1.26
CA ASP A 52 9.33 -4.03 1.78
C ASP A 52 10.36 -2.94 2.03
N GLY A 53 11.00 -2.99 3.20
CA GLY A 53 11.94 -1.95 3.57
C GLY A 53 13.28 -2.08 2.87
N GLU A 54 13.51 -3.21 2.21
CA GLU A 54 14.77 -3.43 1.50
C GLU A 54 14.65 -2.93 0.06
N LYS A 55 13.58 -3.34 -0.60
CA LYS A 55 13.32 -2.96 -1.98
C LYS A 55 12.70 -1.56 -2.04
N GLU A 56 12.16 -1.12 -0.91
CA GLU A 56 11.49 0.18 -0.79
C GLU A 56 10.52 0.41 -1.94
N THR A 57 9.53 -0.46 -2.01
CA THR A 57 8.49 -0.35 -3.01
C THR A 57 7.38 -1.34 -2.67
N TYR A 58 6.27 -1.25 -3.37
CA TYR A 58 5.17 -2.17 -3.16
C TYR A 58 5.34 -3.36 -4.07
N VAL A 59 5.84 -4.44 -3.51
CA VAL A 59 6.15 -5.64 -4.27
C VAL A 59 4.99 -6.63 -4.16
N PRO A 60 4.75 -7.38 -5.25
CA PRO A 60 3.64 -8.33 -5.31
C PRO A 60 3.76 -9.44 -4.27
N ALA A 61 2.73 -9.55 -3.43
CA ALA A 61 2.70 -10.58 -2.39
C ALA A 61 2.62 -11.95 -3.02
N ALA A 62 2.07 -12.00 -4.22
CA ALA A 62 2.03 -13.21 -5.01
C ALA A 62 2.97 -13.08 -6.20
N GLU A 63 3.83 -14.06 -6.40
CA GLU A 63 4.79 -14.03 -7.51
C GLU A 63 4.19 -14.67 -8.76
N SER A 64 2.87 -14.72 -8.81
CA SER A 64 2.15 -15.25 -9.95
C SER A 64 1.73 -14.12 -10.89
N GLY A 1 18.09 6.42 6.12
CA GLY A 1 17.51 7.14 4.96
C GLY A 1 17.59 8.64 5.13
N ALA A 2 18.76 9.20 4.87
CA ALA A 2 19.00 10.63 5.06
C ALA A 2 19.64 11.25 3.82
N MET A 3 19.06 10.99 2.67
CA MET A 3 19.55 11.52 1.41
C MET A 3 18.40 12.08 0.58
N GLY A 4 17.53 11.19 0.15
CA GLY A 4 16.37 11.56 -0.63
C GLY A 4 15.41 10.42 -0.78
N THR A 5 14.53 10.28 0.21
CA THR A 5 13.56 9.20 0.22
C THR A 5 12.55 9.34 -0.91
N LYS A 6 12.65 8.45 -1.90
CA LYS A 6 11.70 8.42 -2.99
C LYS A 6 10.43 7.76 -2.53
N TYR A 7 10.59 6.64 -1.85
CA TYR A 7 9.48 5.91 -1.27
C TYR A 7 9.84 5.46 0.14
N ALA A 8 9.20 6.06 1.13
CA ALA A 8 9.48 5.76 2.52
C ALA A 8 8.43 4.82 3.11
N VAL A 9 8.61 4.44 4.36
CA VAL A 9 7.67 3.57 5.04
C VAL A 9 6.29 4.21 5.16
N PRO A 10 5.24 3.44 4.90
CA PRO A 10 3.87 3.92 4.91
C PRO A 10 3.22 3.85 6.29
N ASP A 11 2.59 4.94 6.67
CA ASP A 11 1.80 4.97 7.88
C ASP A 11 0.34 4.73 7.55
N THR A 12 -0.31 3.89 8.31
CA THR A 12 -1.69 3.54 8.03
C THR A 12 -2.65 4.52 8.70
N SER A 13 -2.08 5.40 9.51
CA SER A 13 -2.86 6.44 10.18
C SER A 13 -3.11 7.62 9.23
N THR A 14 -2.46 7.58 8.08
CA THR A 14 -2.60 8.63 7.08
C THR A 14 -3.47 8.15 5.92
N TYR A 15 -4.23 7.09 6.16
CA TYR A 15 -5.10 6.53 5.14
C TYR A 15 -6.54 6.98 5.37
N GLN A 16 -7.38 6.69 4.40
CA GLN A 16 -8.80 6.98 4.50
C GLN A 16 -9.59 5.70 4.47
N TYR A 17 -10.11 5.26 5.60
CA TYR A 17 -10.88 4.03 5.65
C TYR A 17 -12.17 4.18 4.87
N ASP A 18 -12.32 3.40 3.82
CA ASP A 18 -13.55 3.40 3.05
C ASP A 18 -14.46 2.28 3.49
N GLU A 19 -15.70 2.62 3.74
CA GLU A 19 -16.67 1.66 4.22
C GLU A 19 -17.29 0.89 3.07
N SER A 20 -17.25 1.50 1.89
CA SER A 20 -17.83 0.90 0.71
C SER A 20 -16.96 -0.26 0.23
N SER A 21 -15.66 -0.15 0.49
CA SER A 21 -14.72 -1.17 0.06
C SER A 21 -14.22 -1.98 1.26
N GLY A 22 -14.16 -1.34 2.43
CA GLY A 22 -13.76 -2.03 3.64
C GLY A 22 -12.27 -1.98 3.87
N TYR A 23 -11.58 -1.17 3.05
CA TYR A 23 -10.13 -1.09 3.11
C TYR A 23 -9.68 0.33 3.43
N TYR A 24 -8.42 0.48 3.81
CA TYR A 24 -7.84 1.79 4.06
C TYR A 24 -7.26 2.37 2.77
N TYR A 25 -7.89 3.41 2.27
CA TYR A 25 -7.47 4.03 1.01
C TYR A 25 -6.20 4.84 1.22
N ASP A 26 -5.22 4.59 0.36
CA ASP A 26 -3.98 5.35 0.32
C ASP A 26 -4.06 6.39 -0.78
N PRO A 27 -4.32 7.64 -0.41
CA PRO A 27 -4.34 8.76 -1.35
C PRO A 27 -2.95 9.08 -1.91
N THR A 28 -1.92 8.57 -1.24
CA THR A 28 -0.55 8.82 -1.64
C THR A 28 -0.25 8.18 -2.99
N THR A 29 -0.42 6.86 -3.05
CA THR A 29 -0.13 6.12 -4.27
C THR A 29 -1.41 5.78 -5.03
N GLY A 30 -2.48 5.52 -4.28
CA GLY A 30 -3.75 5.18 -4.90
C GLY A 30 -4.10 3.72 -4.68
N LEU A 31 -3.78 3.23 -3.49
CA LEU A 31 -3.94 1.82 -3.19
C LEU A 31 -4.91 1.63 -2.04
N TYR A 32 -5.16 0.39 -1.68
CA TYR A 32 -5.97 0.08 -0.52
C TYR A 32 -5.23 -0.87 0.40
N TYR A 33 -5.08 -0.51 1.66
CA TYR A 33 -4.45 -1.37 2.63
C TYR A 33 -5.51 -2.22 3.30
N ASP A 34 -5.34 -3.53 3.24
CA ASP A 34 -6.25 -4.44 3.90
C ASP A 34 -5.78 -4.73 5.31
N PRO A 35 -6.55 -4.32 6.32
CA PRO A 35 -6.24 -4.58 7.72
C PRO A 35 -6.33 -6.07 8.06
N ASN A 36 -6.92 -6.84 7.16
CA ASN A 36 -7.09 -8.26 7.39
C ASN A 36 -5.85 -9.05 6.95
N SER A 37 -5.44 -8.83 5.70
CA SER A 37 -4.29 -9.55 5.14
C SER A 37 -2.97 -8.81 5.38
N GLN A 38 -3.08 -7.51 5.67
CA GLN A 38 -1.92 -6.64 5.87
C GLN A 38 -1.16 -6.43 4.56
N TYR A 39 -1.88 -6.55 3.45
CA TYR A 39 -1.32 -6.31 2.13
C TYR A 39 -1.98 -5.11 1.48
N TYR A 40 -1.37 -4.63 0.41
CA TYR A 40 -1.92 -3.51 -0.35
C TYR A 40 -2.66 -4.01 -1.57
N TYR A 41 -3.75 -3.36 -1.88
CA TYR A 41 -4.61 -3.75 -2.97
C TYR A 41 -4.64 -2.65 -4.02
N ASN A 42 -4.20 -2.97 -5.22
CA ASN A 42 -4.24 -2.03 -6.32
C ASN A 42 -5.65 -1.99 -6.87
N SER A 43 -6.33 -0.87 -6.73
CA SER A 43 -7.73 -0.78 -7.12
C SER A 43 -7.86 -0.72 -8.65
N LEU A 44 -6.75 -0.49 -9.34
CA LEU A 44 -6.77 -0.41 -10.79
C LEU A 44 -6.58 -1.80 -11.41
N THR A 45 -5.56 -2.50 -10.97
CA THR A 45 -5.22 -3.79 -11.54
C THR A 45 -5.79 -4.95 -10.73
N GLN A 46 -6.26 -4.62 -9.53
CA GLN A 46 -6.91 -5.57 -8.63
C GLN A 46 -5.93 -6.64 -8.17
N GLN A 47 -4.68 -6.22 -7.98
CA GLN A 47 -3.62 -7.10 -7.50
C GLN A 47 -3.28 -6.77 -6.07
N TYR A 48 -2.40 -7.58 -5.49
CA TYR A 48 -1.94 -7.37 -4.12
C TYR A 48 -0.46 -7.07 -4.08
N LEU A 49 -0.07 -6.23 -3.16
CA LEU A 49 1.32 -5.80 -3.01
C LEU A 49 1.68 -5.76 -1.53
N TYR A 50 2.95 -5.58 -1.24
CA TYR A 50 3.36 -5.37 0.13
C TYR A 50 4.59 -4.47 0.16
N TRP A 51 4.69 -3.66 1.17
CA TRP A 51 5.81 -2.74 1.30
C TRP A 51 7.02 -3.44 1.89
N ASP A 52 8.06 -3.56 1.09
CA ASP A 52 9.32 -4.11 1.58
C ASP A 52 10.26 -2.96 1.93
N GLY A 53 10.68 -2.92 3.18
CA GLY A 53 11.46 -1.80 3.68
C GLY A 53 12.91 -1.82 3.22
N GLU A 54 13.37 -2.97 2.77
CA GLU A 54 14.74 -3.12 2.33
C GLU A 54 14.87 -2.73 0.86
N LYS A 55 13.88 -3.14 0.08
CA LYS A 55 13.90 -2.87 -1.35
C LYS A 55 13.23 -1.52 -1.68
N GLU A 56 12.55 -0.96 -0.67
CA GLU A 56 11.96 0.37 -0.76
C GLU A 56 10.90 0.46 -1.86
N THR A 57 10.09 -0.58 -1.98
CA THR A 57 9.11 -0.63 -3.07
C THR A 57 7.94 -1.54 -2.69
N TYR A 58 6.78 -1.26 -3.27
CA TYR A 58 5.61 -2.12 -3.10
C TYR A 58 5.71 -3.26 -4.10
N VAL A 59 6.02 -4.43 -3.61
CA VAL A 59 6.30 -5.58 -4.46
C VAL A 59 5.10 -6.51 -4.50
N PRO A 60 4.78 -7.02 -5.71
CA PRO A 60 3.61 -7.86 -5.94
C PRO A 60 3.58 -9.10 -5.06
N ALA A 61 2.51 -9.22 -4.30
CA ALA A 61 2.33 -10.37 -3.41
C ALA A 61 1.75 -11.53 -4.19
N ALA A 62 2.54 -12.06 -5.11
CA ALA A 62 2.13 -13.19 -5.93
C ALA A 62 3.24 -14.24 -5.97
N GLU A 63 4.35 -13.87 -6.61
CA GLU A 63 5.51 -14.76 -6.69
C GLU A 63 6.43 -14.50 -5.50
N SER A 64 5.87 -14.55 -4.31
CA SER A 64 6.61 -14.28 -3.10
C SER A 64 7.25 -15.56 -2.56
N GLY A 1 14.91 14.89 0.42
CA GLY A 1 15.78 13.71 0.18
C GLY A 1 17.10 13.83 0.91
N ALA A 2 18.03 12.95 0.59
CA ALA A 2 19.35 12.96 1.21
C ALA A 2 20.41 12.44 0.24
N MET A 3 20.48 11.12 0.10
CA MET A 3 21.46 10.50 -0.79
C MET A 3 20.77 9.52 -1.74
N GLY A 4 19.48 9.28 -1.52
CA GLY A 4 18.76 8.33 -2.33
C GLY A 4 17.49 7.85 -1.65
N THR A 5 16.64 8.79 -1.28
CA THR A 5 15.40 8.48 -0.61
C THR A 5 14.21 8.94 -1.45
N LYS A 6 13.37 8.01 -1.85
CA LYS A 6 12.20 8.32 -2.65
C LYS A 6 10.94 7.95 -1.88
N TYR A 7 10.79 6.67 -1.60
CA TYR A 7 9.67 6.18 -0.83
C TYR A 7 10.14 5.64 0.51
N ALA A 8 9.46 6.03 1.56
CA ALA A 8 9.76 5.54 2.89
C ALA A 8 8.61 4.67 3.38
N VAL A 9 8.76 4.08 4.57
CA VAL A 9 7.71 3.27 5.16
C VAL A 9 6.39 4.04 5.23
N PRO A 10 5.29 3.44 4.74
CA PRO A 10 3.99 4.06 4.74
C PRO A 10 3.23 3.82 6.04
N ASP A 11 2.68 4.88 6.59
CA ASP A 11 1.90 4.81 7.81
C ASP A 11 0.43 4.69 7.46
N THR A 12 -0.24 3.71 8.04
CA THR A 12 -1.62 3.46 7.74
C THR A 12 -2.55 4.39 8.52
N SER A 13 -1.95 5.20 9.40
CA SER A 13 -2.70 6.15 10.20
C SER A 13 -3.23 7.30 9.33
N THR A 14 -2.54 7.57 8.23
CA THR A 14 -2.91 8.69 7.37
C THR A 14 -3.83 8.23 6.23
N TYR A 15 -4.34 7.01 6.32
CA TYR A 15 -5.21 6.48 5.29
C TYR A 15 -6.65 6.89 5.55
N GLN A 16 -7.50 6.70 4.55
CA GLN A 16 -8.91 7.00 4.66
C GLN A 16 -9.72 5.71 4.56
N TYR A 17 -10.35 5.31 5.65
CA TYR A 17 -11.10 4.08 5.68
C TYR A 17 -12.34 4.19 4.81
N ASP A 18 -12.43 3.32 3.81
CA ASP A 18 -13.59 3.27 2.96
C ASP A 18 -14.50 2.15 3.43
N GLU A 19 -15.72 2.48 3.78
CA GLU A 19 -16.65 1.51 4.36
C GLU A 19 -17.35 0.71 3.28
N SER A 20 -17.33 1.23 2.08
CA SER A 20 -17.97 0.57 0.95
C SER A 20 -17.01 -0.42 0.33
N SER A 21 -15.72 -0.18 0.53
CA SER A 21 -14.69 -1.07 0.01
C SER A 21 -14.15 -1.95 1.13
N GLY A 22 -14.15 -1.43 2.35
CA GLY A 22 -13.70 -2.20 3.50
C GLY A 22 -12.21 -2.07 3.73
N TYR A 23 -11.57 -1.18 2.98
CA TYR A 23 -10.12 -1.04 3.03
C TYR A 23 -9.72 0.38 3.37
N TYR A 24 -8.48 0.54 3.83
CA TYR A 24 -7.92 1.86 4.10
C TYR A 24 -7.30 2.43 2.83
N TYR A 25 -7.92 3.47 2.28
CA TYR A 25 -7.47 4.06 1.04
C TYR A 25 -6.20 4.89 1.25
N ASP A 26 -5.17 4.56 0.49
CA ASP A 26 -3.94 5.32 0.48
C ASP A 26 -3.96 6.32 -0.66
N PRO A 27 -3.90 7.62 -0.33
CA PRO A 27 -3.90 8.69 -1.32
C PRO A 27 -2.50 8.98 -1.84
N THR A 28 -1.51 8.45 -1.14
CA THR A 28 -0.11 8.64 -1.52
C THR A 28 0.20 7.91 -2.82
N THR A 29 -0.10 6.63 -2.85
CA THR A 29 0.16 5.81 -4.01
C THR A 29 -1.14 5.56 -4.79
N GLY A 30 -2.24 5.40 -4.05
CA GLY A 30 -3.51 5.15 -4.68
C GLY A 30 -3.93 3.70 -4.53
N LEU A 31 -3.67 3.16 -3.35
CA LEU A 31 -3.89 1.74 -3.10
C LEU A 31 -4.87 1.54 -1.97
N TYR A 32 -5.26 0.30 -1.74
CA TYR A 32 -6.11 -0.04 -0.61
C TYR A 32 -5.36 -0.92 0.37
N TYR A 33 -5.31 -0.51 1.62
CA TYR A 33 -4.68 -1.32 2.66
C TYR A 33 -5.72 -2.21 3.33
N ASP A 34 -5.54 -3.52 3.20
CA ASP A 34 -6.41 -4.48 3.86
C ASP A 34 -6.05 -4.57 5.33
N PRO A 35 -6.93 -4.11 6.23
CA PRO A 35 -6.66 -4.11 7.67
C PRO A 35 -6.58 -5.51 8.27
N ASN A 36 -7.13 -6.50 7.57
CA ASN A 36 -7.18 -7.85 8.09
C ASN A 36 -5.93 -8.64 7.68
N SER A 37 -5.59 -8.59 6.41
CA SER A 37 -4.46 -9.33 5.88
C SER A 37 -3.19 -8.48 5.86
N GLN A 38 -3.40 -7.16 5.97
CA GLN A 38 -2.31 -6.18 5.99
C GLN A 38 -1.52 -6.18 4.69
N TYR A 39 -2.23 -6.36 3.58
CA TYR A 39 -1.63 -6.24 2.25
C TYR A 39 -2.23 -5.07 1.52
N TYR A 40 -1.55 -4.60 0.48
CA TYR A 40 -2.04 -3.50 -0.31
C TYR A 40 -2.74 -4.02 -1.56
N TYR A 41 -3.87 -3.41 -1.88
CA TYR A 41 -4.65 -3.80 -3.03
C TYR A 41 -4.60 -2.72 -4.08
N ASN A 42 -4.06 -3.05 -5.24
CA ASN A 42 -4.02 -2.14 -6.36
C ASN A 42 -5.39 -2.12 -7.03
N SER A 43 -6.08 -1.00 -6.96
CA SER A 43 -7.45 -0.91 -7.45
C SER A 43 -7.49 -0.81 -8.97
N LEU A 44 -6.35 -0.50 -9.58
CA LEU A 44 -6.27 -0.35 -11.02
C LEU A 44 -5.90 -1.67 -11.68
N THR A 45 -4.94 -2.38 -11.10
CA THR A 45 -4.45 -3.62 -11.68
C THR A 45 -5.12 -4.83 -11.02
N GLN A 46 -5.79 -4.57 -9.89
CA GLN A 46 -6.50 -5.59 -9.14
C GLN A 46 -5.55 -6.66 -8.61
N GLN A 47 -4.41 -6.21 -8.10
CA GLN A 47 -3.39 -7.13 -7.60
C GLN A 47 -3.09 -6.82 -6.13
N TYR A 48 -2.38 -7.73 -5.46
CA TYR A 48 -2.01 -7.53 -4.07
C TYR A 48 -0.54 -7.26 -3.94
N LEU A 49 -0.20 -6.37 -3.04
CA LEU A 49 1.15 -5.87 -2.89
C LEU A 49 1.55 -5.83 -1.43
N TYR A 50 2.84 -5.71 -1.17
CA TYR A 50 3.35 -5.56 0.18
C TYR A 50 4.47 -4.55 0.17
N TRP A 51 4.59 -3.77 1.25
CA TRP A 51 5.68 -2.81 1.35
C TRP A 51 6.97 -3.53 1.71
N ASP A 52 7.98 -3.36 0.87
CA ASP A 52 9.30 -3.92 1.15
C ASP A 52 10.23 -2.80 1.56
N GLY A 53 10.78 -2.91 2.77
CA GLY A 53 11.60 -1.84 3.32
C GLY A 53 13.01 -1.82 2.76
N GLU A 54 13.37 -2.87 2.03
CA GLU A 54 14.70 -2.98 1.46
C GLU A 54 14.67 -2.52 0.00
N LYS A 55 13.64 -2.95 -0.72
CA LYS A 55 13.49 -2.57 -2.11
C LYS A 55 12.89 -1.18 -2.22
N GLU A 56 12.28 -0.73 -1.11
CA GLU A 56 11.63 0.57 -1.02
C GLU A 56 10.52 0.70 -2.07
N THR A 57 9.68 -0.32 -2.13
CA THR A 57 8.64 -0.38 -3.13
C THR A 57 7.53 -1.33 -2.69
N TYR A 58 6.34 -1.12 -3.24
CA TYR A 58 5.24 -2.06 -3.04
C TYR A 58 5.36 -3.17 -4.08
N VAL A 59 5.73 -4.35 -3.62
CA VAL A 59 6.01 -5.45 -4.51
C VAL A 59 4.84 -6.41 -4.51
N PRO A 60 4.53 -7.00 -5.67
CA PRO A 60 3.47 -7.99 -5.79
C PRO A 60 3.67 -9.16 -4.84
N ALA A 61 2.61 -9.48 -4.11
CA ALA A 61 2.66 -10.53 -3.10
C ALA A 61 2.61 -11.92 -3.73
N ALA A 62 2.55 -11.96 -5.06
CA ALA A 62 2.59 -13.21 -5.85
C ALA A 62 1.28 -14.01 -5.75
N GLU A 63 0.66 -13.99 -4.58
CA GLU A 63 -0.59 -14.72 -4.36
C GLU A 63 -1.73 -14.15 -5.18
N SER A 64 -1.63 -12.88 -5.54
CA SER A 64 -2.61 -12.24 -6.39
C SER A 64 -1.90 -11.22 -7.29
#